data_2XBU
#
_entry.id   2XBU
#
_cell.length_a   51.577
_cell.length_b   77.521
_cell.length_c   56.655
_cell.angle_alpha   90.00
_cell.angle_beta   95.13
_cell.angle_gamma   90.00
#
_symmetry.space_group_name_H-M   'P 1 21 1'
#
loop_
_entity.id
_entity.type
_entity.pdbx_description
1 polymer 'HYPOXANTHINE-GUANINE PHOSPHORIBOSYLTRANSFERASE'
2 non-polymer 'ACETATE ION'
3 non-polymer "GUANOSINE-5'-MONOPHOSPHATE"
4 non-polymer 'MAGNESIUM ION'
5 water water
#
_entity_poly.entity_id   1
_entity_poly.type   'polypeptide(L)'
_entity_poly.pdbx_seq_one_letter_code
;MSANDKQYISYNNVHQLCQVSAERIKNFKPDLIIAIGGGGFIPARILRTFLKEPGVPTIRIFAIILSLYEDLNSVGSEVE
EVGVKVSRTQWIDYEQCKLDLVGKNVLIVDEVDDTRTTLHYALSELEKDAAEQAKAKGIDTEKSPEMKTNFGIFVLHDKQ
KPKKADLPAEMLNDKNRYFAAKTVPDKWYAYPWESTDIVFHTRMAIEQGNDIFIPEQEHKQ
;
_entity_poly.pdbx_strand_id   A,B
#
loop_
_chem_comp.id
_chem_comp.type
_chem_comp.name
_chem_comp.formula
5GP non-polymer GUANOSINE-5'-MONOPHOSPHATE 'C10 H14 N5 O8 P'
ACT non-polymer 'ACETATE ION' 'C2 H3 O2 -1'
MG non-polymer 'MAGNESIUM ION' 'Mg 2'
#
# COMPACT_ATOMS: atom_id res chain seq x y z
N ASP A 5 21.96 4.78 17.38
CA ASP A 5 20.92 4.96 18.38
C ASP A 5 19.54 4.70 17.78
N LYS A 6 19.28 3.46 17.40
CA LYS A 6 18.07 3.10 16.66
C LYS A 6 16.79 3.62 17.29
N GLN A 7 15.94 4.24 16.48
CA GLN A 7 14.69 4.80 16.98
C GLN A 7 13.51 3.92 16.57
N TYR A 8 12.86 3.32 17.55
CA TYR A 8 11.71 2.45 17.31
C TYR A 8 10.45 3.31 17.23
N ILE A 9 9.71 3.16 16.15
CA ILE A 9 8.51 3.96 15.87
C ILE A 9 7.26 3.07 15.90
N SER A 10 6.32 3.40 16.77
CA SER A 10 5.10 2.60 16.88
C SER A 10 4.13 2.89 15.74
N TYR A 11 3.21 1.96 15.49
CA TYR A 11 2.15 2.22 14.53
C TYR A 11 1.36 3.47 14.92
N ASN A 12 0.97 3.58 16.18
CA ASN A 12 0.18 4.75 16.59
C ASN A 12 0.92 6.07 16.42
N ASN A 13 2.25 6.03 16.58
CA ASN A 13 3.05 7.21 16.29
C ASN A 13 2.93 7.60 14.81
N VAL A 14 3.09 6.62 13.93
CA VAL A 14 2.98 6.88 12.50
C VAL A 14 1.61 7.48 12.19
N HIS A 15 0.57 6.90 12.80
CA HIS A 15 -0.79 7.36 12.57
C HIS A 15 -0.95 8.83 12.91
N GLN A 16 -0.43 9.23 14.07
CA GLN A 16 -0.56 10.61 14.52
C GLN A 16 0.34 11.60 13.78
N LEU A 17 1.48 11.12 13.30
CA LEU A 17 2.32 11.93 12.43
C LEU A 17 1.53 12.29 11.19
N CYS A 18 0.83 11.30 10.64
CA CYS A 18 0.00 11.55 9.47
C CYS A 18 -1.16 12.49 9.80
N GLN A 19 -1.73 12.32 10.99
CA GLN A 19 -2.85 13.16 11.41
C GLN A 19 -2.49 14.65 11.45
N VAL A 20 -1.37 14.98 12.08
CA VAL A 20 -0.97 16.38 12.16
CA VAL A 20 -0.93 16.38 12.17
C VAL A 20 -0.50 16.89 10.80
N SER A 21 0.22 16.06 10.05
CA SER A 21 0.71 16.47 8.74
C SER A 21 -0.44 16.77 7.77
N ALA A 22 -1.54 16.03 7.90
CA ALA A 22 -2.68 16.21 7.03
C ALA A 22 -3.22 17.64 7.09
N GLU A 23 -3.15 18.26 8.27
CA GLU A 23 -3.65 19.62 8.40
C GLU A 23 -2.83 20.57 7.54
N ARG A 24 -1.53 20.32 7.43
CA ARG A 24 -0.65 21.13 6.60
C ARG A 24 -0.87 20.81 5.14
N ILE A 25 -0.90 19.52 4.83
CA ILE A 25 -1.07 19.02 3.46
C ILE A 25 -2.38 19.45 2.80
N LYS A 26 -3.42 19.70 3.60
CA LYS A 26 -4.65 20.28 3.06
C LYS A 26 -4.43 21.59 2.31
N ASN A 27 -3.40 22.35 2.69
CA ASN A 27 -3.07 23.60 2.01
C ASN A 27 -2.57 23.37 0.58
N PHE A 28 -2.02 22.18 0.36
CA PHE A 28 -1.46 21.80 -0.93
C PHE A 28 -2.56 21.26 -1.84
N LYS A 29 -3.67 20.83 -1.23
CA LYS A 29 -4.83 20.32 -1.96
C LYS A 29 -4.47 19.20 -2.94
N PRO A 30 -3.93 18.08 -2.44
CA PRO A 30 -3.52 17.04 -3.38
C PRO A 30 -4.71 16.43 -4.12
N ASP A 31 -4.52 16.17 -5.41
CA ASP A 31 -5.53 15.53 -6.24
C ASP A 31 -5.32 14.02 -6.26
N LEU A 32 -4.08 13.60 -6.08
CA LEU A 32 -3.73 12.19 -6.00
C LEU A 32 -2.41 12.03 -5.25
N ILE A 33 -2.13 10.79 -4.85
CA ILE A 33 -0.91 10.47 -4.14
C ILE A 33 -0.14 9.41 -4.89
N ILE A 34 1.17 9.60 -5.00
CA ILE A 34 2.05 8.56 -5.52
C ILE A 34 2.98 8.11 -4.41
N ALA A 35 2.86 6.84 -4.03
CA ALA A 35 3.63 6.31 -2.91
C ALA A 35 4.82 5.49 -3.42
N ILE A 36 6.00 5.78 -2.86
CA ILE A 36 7.21 5.07 -3.24
C ILE A 36 7.40 3.86 -2.34
N GLY A 37 7.30 2.68 -2.93
CA GLY A 37 7.55 1.43 -2.23
C GLY A 37 6.56 1.12 -1.12
N GLY A 38 6.74 -0.03 -0.47
CA GLY A 38 5.85 -0.46 0.59
C GLY A 38 5.86 0.46 1.79
N GLY A 39 7.04 1.00 2.10
CA GLY A 39 7.21 1.92 3.21
C GLY A 39 6.54 3.27 3.00
N GLY A 40 6.34 3.63 1.73
CA GLY A 40 5.60 4.84 1.42
C GLY A 40 4.10 4.61 1.47
N PHE A 41 3.65 3.43 1.08
CA PHE A 41 2.22 3.23 0.89
C PHE A 41 1.45 3.31 2.20
N ILE A 42 2.03 2.82 3.27
CA ILE A 42 1.30 2.80 4.54
C ILE A 42 0.94 4.22 5.04
N PRO A 43 1.94 5.11 5.16
CA PRO A 43 1.62 6.50 5.50
C PRO A 43 0.67 7.14 4.49
N ALA A 44 0.83 6.81 3.21
CA ALA A 44 -0.07 7.36 2.20
C ALA A 44 -1.52 6.98 2.50
N ARG A 45 -1.76 5.69 2.78
CA ARG A 45 -3.11 5.23 3.06
C ARG A 45 -3.65 5.88 4.34
N ILE A 46 -2.81 6.02 5.36
CA ILE A 46 -3.26 6.66 6.59
C ILE A 46 -3.60 8.13 6.36
N LEU A 47 -2.72 8.81 5.63
CA LEU A 47 -2.97 10.20 5.25
C LEU A 47 -4.33 10.36 4.58
N ARG A 48 -4.65 9.45 3.67
CA ARG A 48 -5.92 9.51 2.95
C ARG A 48 -7.12 9.53 3.91
N THR A 49 -7.01 8.80 5.02
CA THR A 49 -8.08 8.79 6.01
C THR A 49 -8.33 10.18 6.56
N PHE A 50 -7.26 10.94 6.74
CA PHE A 50 -7.37 12.29 7.27
C PHE A 50 -7.66 13.35 6.20
N LEU A 51 -7.43 13.02 4.94
CA LEU A 51 -7.78 13.94 3.85
C LEU A 51 -9.21 13.77 3.36
N LYS A 52 -9.80 12.62 3.68
CA LYS A 52 -11.15 12.29 3.23
C LYS A 52 -12.19 13.32 3.65
N GLU A 53 -13.03 13.72 2.69
CA GLU A 53 -14.17 14.56 2.99
C GLU A 53 -15.43 13.80 2.60
N PRO A 54 -16.39 13.67 3.52
CA PRO A 54 -17.59 12.91 3.21
C PRO A 54 -18.29 13.48 1.97
N GLY A 55 -18.74 12.59 1.08
CA GLY A 55 -19.40 13.00 -0.14
C GLY A 55 -18.44 13.27 -1.28
N VAL A 56 -17.15 13.27 -0.97
CA VAL A 56 -16.13 13.53 -1.97
C VAL A 56 -15.29 12.28 -2.21
N PRO A 57 -15.19 11.83 -3.47
CA PRO A 57 -14.47 10.60 -3.80
C PRO A 57 -13.09 10.60 -3.13
N THR A 58 -12.68 9.43 -2.64
CA THR A 58 -11.40 9.32 -1.97
C THR A 58 -10.26 9.58 -2.94
N ILE A 59 -9.20 10.21 -2.44
CA ILE A 59 -7.99 10.49 -3.21
C ILE A 59 -7.34 9.18 -3.64
N ARG A 60 -7.02 9.03 -4.91
CA ARG A 60 -6.38 7.81 -5.39
C ARG A 60 -4.92 7.72 -4.96
N ILE A 61 -4.45 6.50 -4.70
CA ILE A 61 -3.06 6.27 -4.36
C ILE A 61 -2.44 5.31 -5.36
N PHE A 62 -1.31 5.72 -5.94
CA PHE A 62 -0.60 4.88 -6.91
C PHE A 62 0.75 4.49 -6.35
N ALA A 63 1.07 3.21 -6.43
CA ALA A 63 2.33 2.71 -5.91
C ALA A 63 3.36 2.57 -7.02
N ILE A 64 4.56 3.09 -6.80
CA ILE A 64 5.65 2.89 -7.74
C ILE A 64 6.89 2.32 -7.05
N ILE A 65 7.72 1.66 -7.83
CA ILE A 65 9.01 1.17 -7.34
C ILE A 65 10.08 1.64 -8.30
N LEU A 66 11.07 2.33 -7.76
CA LEU A 66 12.20 2.81 -8.53
C LEU A 66 13.43 2.03 -8.10
N SER A 67 14.20 1.55 -9.06
CA SER A 67 15.48 0.91 -8.77
C SER A 67 16.60 1.82 -9.25
N LEU A 68 17.54 2.09 -8.36
CA LEU A 68 18.68 2.94 -8.69
C LEU A 68 19.96 2.12 -8.57
N TYR A 69 20.82 2.21 -9.57
CA TYR A 69 22.00 1.36 -9.63
C TYR A 69 23.31 2.16 -9.69
N GLU A 70 24.40 1.52 -9.32
CA GLU A 70 25.72 2.13 -9.36
C GLU A 70 25.99 2.79 -10.70
N VAL A 84 23.84 7.99 -11.68
CA VAL A 84 23.03 6.85 -11.25
C VAL A 84 22.11 6.39 -12.38
N LYS A 85 21.92 5.08 -12.48
CA LYS A 85 21.00 4.51 -13.45
C LYS A 85 19.62 4.31 -12.80
N VAL A 86 18.58 4.85 -13.43
CA VAL A 86 17.23 4.76 -12.90
C VAL A 86 16.40 3.73 -13.67
N SER A 87 15.81 2.79 -12.93
CA SER A 87 14.95 1.78 -13.55
C SER A 87 13.54 1.85 -12.97
N ARG A 88 12.56 1.99 -13.87
CA ARG A 88 11.16 2.02 -13.46
C ARG A 88 10.64 0.60 -13.27
N THR A 89 10.94 0.01 -12.11
CA THR A 89 10.62 -1.38 -11.81
C THR A 89 9.12 -1.67 -11.83
N GLN A 90 8.35 -0.82 -11.15
CA GLN A 90 6.89 -0.87 -11.23
C GLN A 90 6.42 0.56 -11.36
N TRP A 91 5.72 0.87 -12.45
CA TRP A 91 5.33 2.24 -12.69
C TRP A 91 3.82 2.36 -12.79
N ILE A 92 3.36 3.45 -13.41
CA ILE A 92 1.94 3.70 -13.56
C ILE A 92 1.55 3.64 -15.02
N ASP A 93 0.55 2.82 -15.35
CA ASP A 93 -0.03 2.83 -16.68
C ASP A 93 -1.09 3.93 -16.74
N TYR A 94 -0.66 5.15 -17.03
CA TYR A 94 -1.54 6.31 -17.00
C TYR A 94 -2.80 6.13 -17.85
N GLU A 95 -2.62 5.63 -19.07
CA GLU A 95 -3.74 5.42 -19.98
C GLU A 95 -4.77 4.47 -19.39
N GLN A 96 -4.30 3.32 -18.91
CA GLN A 96 -5.19 2.31 -18.32
C GLN A 96 -5.88 2.82 -17.06
N CYS A 97 -5.14 3.54 -16.22
CA CYS A 97 -5.70 4.08 -14.97
C CYS A 97 -6.53 5.34 -15.20
N LYS A 98 -6.53 5.83 -16.43
CA LYS A 98 -7.17 7.09 -16.74
C LYS A 98 -6.67 8.17 -15.79
N LEU A 99 -5.36 8.20 -15.59
CA LEU A 99 -4.72 9.18 -14.73
C LEU A 99 -4.04 10.24 -15.57
N ASP A 100 -4.55 11.47 -15.50
CA ASP A 100 -3.99 12.60 -16.21
C ASP A 100 -3.30 13.55 -15.23
N LEU A 101 -1.98 13.65 -15.34
CA LEU A 101 -1.20 14.52 -14.43
C LEU A 101 -1.31 16.01 -14.75
N VAL A 102 -1.78 16.34 -15.94
CA VAL A 102 -1.87 17.74 -16.33
C VAL A 102 -2.82 18.52 -15.42
N GLY A 103 -2.30 19.59 -14.84
CA GLY A 103 -3.12 20.47 -14.00
C GLY A 103 -3.42 19.88 -12.64
N LYS A 104 -2.66 18.88 -12.23
CA LYS A 104 -2.90 18.23 -10.94
C LYS A 104 -1.89 18.65 -9.89
N ASN A 105 -2.32 18.60 -8.63
CA ASN A 105 -1.41 18.67 -7.50
C ASN A 105 -1.12 17.24 -7.09
N VAL A 106 0.13 16.81 -7.20
CA VAL A 106 0.47 15.43 -6.95
C VAL A 106 1.39 15.31 -5.74
N LEU A 107 0.96 14.56 -4.73
CA LEU A 107 1.78 14.35 -3.54
C LEU A 107 2.55 13.05 -3.61
N ILE A 108 3.88 13.16 -3.56
CA ILE A 108 4.75 12.00 -3.51
C ILE A 108 5.02 11.66 -2.05
N VAL A 109 4.83 10.40 -1.69
CA VAL A 109 4.96 9.98 -0.30
C VAL A 109 6.01 8.89 -0.12
N ASP A 110 6.89 9.08 0.85
CA ASP A 110 7.83 8.03 1.26
C ASP A 110 7.97 8.13 2.76
N GLU A 111 8.49 7.09 3.41
CA GLU A 111 8.52 7.12 4.85
C GLU A 111 9.67 8.00 5.37
N VAL A 112 10.80 8.02 4.65
CA VAL A 112 11.99 8.72 5.14
C VAL A 112 12.79 9.41 4.03
N ASP A 113 13.35 10.57 4.35
CA ASP A 113 14.30 11.25 3.48
C ASP A 113 15.64 11.15 4.19
N ASP A 114 16.50 10.25 3.69
CA ASP A 114 17.80 9.98 4.31
C ASP A 114 18.85 10.80 3.58
N THR A 115 19.32 10.30 2.43
CA THR A 115 20.27 11.05 1.62
C THR A 115 19.55 11.82 0.51
N ARG A 116 18.25 11.59 0.39
CA ARG A 116 17.40 12.30 -0.57
C ARG A 116 17.51 11.77 -2.00
N THR A 117 18.37 10.78 -2.20
CA THR A 117 18.56 10.23 -3.54
C THR A 117 17.27 9.67 -4.14
N THR A 118 16.52 8.90 -3.35
CA THR A 118 15.30 8.30 -3.84
C THR A 118 14.28 9.36 -4.27
N LEU A 119 14.06 10.35 -3.42
CA LEU A 119 13.11 11.41 -3.75
C LEU A 119 13.52 12.20 -4.98
N HIS A 120 14.83 12.50 -5.08
CA HIS A 120 15.33 13.24 -6.22
C HIS A 120 14.96 12.57 -7.54
N TYR A 121 15.22 11.27 -7.65
CA TYR A 121 14.98 10.56 -8.90
C TYR A 121 13.50 10.23 -9.11
N ALA A 122 12.76 10.02 -8.04
CA ALA A 122 11.32 9.82 -8.15
C ALA A 122 10.70 11.08 -8.75
N LEU A 123 11.07 12.24 -8.21
CA LEU A 123 10.54 13.50 -8.71
C LEU A 123 10.96 13.71 -10.16
N SER A 124 12.23 13.43 -10.44
CA SER A 124 12.75 13.56 -11.78
C SER A 124 11.92 12.74 -12.79
N GLU A 125 11.69 11.47 -12.47
CA GLU A 125 10.96 10.59 -13.37
C GLU A 125 9.51 11.02 -13.56
N LEU A 126 8.86 11.40 -12.46
CA LEU A 126 7.45 11.81 -12.52
C LEU A 126 7.29 13.13 -13.28
N GLU A 127 8.29 14.01 -13.17
CA GLU A 127 8.30 15.25 -13.93
CA GLU A 127 8.28 15.25 -13.92
C GLU A 127 8.35 14.98 -15.42
N LYS A 128 9.10 13.96 -15.82
CA LYS A 128 9.18 13.57 -17.22
C LYS A 128 7.81 13.14 -17.73
N ASP A 129 7.12 12.35 -16.92
CA ASP A 129 5.76 11.92 -17.24
C ASP A 129 4.83 13.11 -17.43
N ALA A 130 4.92 14.07 -16.52
CA ALA A 130 4.07 15.26 -16.55
C ALA A 130 4.31 16.07 -17.83
N ALA A 131 5.57 16.27 -18.18
CA ALA A 131 5.94 17.04 -19.38
C ALA A 131 5.47 16.32 -20.63
N GLU A 132 5.65 15.01 -20.65
CA GLU A 132 5.23 14.16 -21.74
C GLU A 132 3.73 14.27 -21.96
N GLN A 133 2.96 14.25 -20.87
CA GLN A 133 1.51 14.31 -20.96
C GLN A 133 1.02 15.70 -21.39
N ALA A 134 1.70 16.74 -20.95
CA ALA A 134 1.35 18.10 -21.33
C ALA A 134 1.52 18.29 -22.84
N LYS A 135 2.65 17.82 -23.37
CA LYS A 135 2.93 17.93 -24.79
C LYS A 135 1.96 17.14 -25.66
N ALA A 136 1.57 15.96 -25.20
CA ALA A 136 0.60 15.12 -25.90
C ALA A 136 -0.77 15.79 -25.98
N LYS A 137 -1.04 16.68 -25.04
CA LYS A 137 -2.30 17.41 -25.01
C LYS A 137 -2.19 18.75 -25.71
N GLY A 138 -1.05 18.97 -26.37
CA GLY A 138 -0.82 20.20 -27.09
C GLY A 138 -0.69 21.40 -26.18
N ILE A 139 -0.23 21.16 -24.96
CA ILE A 139 -0.12 22.22 -23.96
C ILE A 139 1.30 22.72 -23.78
N ASP A 140 1.51 23.99 -24.10
CA ASP A 140 2.76 24.68 -23.85
C ASP A 140 2.73 25.19 -22.43
N THR A 141 3.47 24.55 -21.53
CA THR A 141 3.43 24.89 -20.11
C THR A 141 4.11 26.22 -19.80
N GLU A 142 4.90 26.71 -20.74
CA GLU A 142 5.46 28.05 -20.61
C GLU A 142 4.33 29.07 -20.79
N LYS A 143 3.56 28.89 -21.86
CA LYS A 143 2.44 29.77 -22.16
C LYS A 143 1.30 29.60 -21.16
N SER A 144 1.08 28.36 -20.72
CA SER A 144 -0.02 28.06 -19.80
C SER A 144 0.50 27.42 -18.52
N PRO A 145 1.35 28.14 -17.77
CA PRO A 145 1.98 27.61 -16.56
C PRO A 145 0.97 26.98 -15.60
N GLU A 146 -0.26 27.49 -15.59
CA GLU A 146 -1.28 27.01 -14.67
C GLU A 146 -1.67 25.56 -14.95
N MET A 147 -1.34 25.07 -16.14
CA MET A 147 -1.65 23.69 -16.50
C MET A 147 -0.53 22.74 -16.08
N LYS A 148 0.60 23.30 -15.65
CA LYS A 148 1.71 22.48 -15.19
C LYS A 148 1.30 21.62 -14.01
N THR A 149 2.02 20.53 -13.80
CA THR A 149 1.76 19.64 -12.68
C THR A 149 2.54 20.14 -11.48
N ASN A 150 1.85 20.30 -10.35
CA ASN A 150 2.47 20.72 -9.09
CA ASN A 150 2.48 20.73 -9.10
C ASN A 150 2.80 19.53 -8.21
N PHE A 151 4.08 19.23 -8.06
CA PHE A 151 4.50 18.14 -7.18
C PHE A 151 4.78 18.61 -5.76
N GLY A 152 4.38 17.80 -4.79
CA GLY A 152 4.72 18.02 -3.39
C GLY A 152 5.27 16.72 -2.83
N ILE A 153 5.90 16.79 -1.66
CA ILE A 153 6.46 15.60 -1.06
C ILE A 153 6.05 15.52 0.42
N PHE A 154 5.70 14.33 0.87
CA PHE A 154 5.45 14.11 2.28
C PHE A 154 6.27 12.91 2.73
N VAL A 155 7.08 13.12 3.76
CA VAL A 155 7.77 12.01 4.45
C VAL A 155 7.48 12.10 5.94
N LEU A 156 7.58 10.97 6.64
CA LEU A 156 7.43 10.97 8.08
C LEU A 156 8.64 11.62 8.72
N HIS A 157 9.84 11.27 8.23
CA HIS A 157 11.07 11.72 8.84
C HIS A 157 12.06 12.26 7.81
N ASP A 158 12.54 13.47 8.05
CA ASP A 158 13.59 14.07 7.23
C ASP A 158 14.82 14.18 8.10
N LYS A 159 15.85 13.39 7.79
CA LYS A 159 17.05 13.38 8.60
C LYS A 159 17.90 14.62 8.36
N GLN A 160 18.38 15.21 9.44
CA GLN A 160 19.33 16.33 9.36
C GLN A 160 20.73 15.80 9.12
N LYS A 161 21.17 15.83 7.87
CA LYS A 161 22.47 15.30 7.49
C LYS A 161 22.77 15.76 6.08
N PRO A 162 24.05 15.75 5.70
CA PRO A 162 24.41 16.09 4.32
C PRO A 162 23.67 15.20 3.32
N LYS A 163 22.98 15.81 2.36
CA LYS A 163 22.25 15.05 1.35
C LYS A 163 23.14 14.75 0.13
N LYS A 164 22.86 13.64 -0.54
CA LYS A 164 23.63 13.22 -1.71
C LYS A 164 22.94 13.66 -3.00
N ALA A 165 21.71 14.14 -2.90
CA ALA A 165 21.01 14.66 -4.06
C ALA A 165 20.17 15.85 -3.64
N ASP A 166 19.73 16.65 -4.60
CA ASP A 166 18.94 17.83 -4.25
C ASP A 166 17.50 17.73 -4.72
N LEU A 167 16.68 18.65 -4.22
CA LEU A 167 15.33 18.84 -4.69
C LEU A 167 15.22 20.31 -5.07
N PRO A 168 14.28 20.65 -5.96
CA PRO A 168 14.11 22.05 -6.39
C PRO A 168 13.92 23.01 -5.21
N ALA A 169 14.47 24.22 -5.34
CA ALA A 169 14.31 25.23 -4.32
C ALA A 169 12.83 25.51 -4.07
N GLU A 170 12.04 25.54 -5.14
CA GLU A 170 10.63 25.85 -5.03
C GLU A 170 9.85 24.72 -4.36
N MET A 171 10.52 23.58 -4.19
CA MET A 171 9.95 22.46 -3.44
C MET A 171 10.38 22.56 -1.98
N LEU A 172 11.68 22.49 -1.74
CA LEU A 172 12.24 22.47 -0.38
C LEU A 172 11.91 23.69 0.46
N ASN A 173 11.92 24.87 -0.15
CA ASN A 173 11.76 26.11 0.59
C ASN A 173 10.32 26.60 0.68
N ASP A 174 9.40 25.82 0.12
CA ASP A 174 7.98 26.14 0.20
C ASP A 174 7.36 25.21 1.23
N LYS A 175 6.99 25.77 2.39
CA LYS A 175 6.41 24.98 3.48
C LYS A 175 5.12 24.29 3.07
N ASN A 176 4.57 24.68 1.92
CA ASN A 176 3.37 24.03 1.44
C ASN A 176 3.60 23.13 0.23
N ARG A 177 4.84 22.66 0.08
CA ARG A 177 5.21 21.72 -0.97
CA ARG A 177 5.13 21.68 -0.95
C ARG A 177 6.00 20.53 -0.42
N TYR A 178 6.99 20.84 0.43
CA TYR A 178 7.78 19.78 1.05
C TYR A 178 7.37 19.65 2.51
N PHE A 179 6.75 18.53 2.84
CA PHE A 179 6.22 18.31 4.17
C PHE A 179 6.96 17.16 4.84
N ALA A 180 7.68 17.45 5.92
CA ALA A 180 8.19 16.39 6.78
C ALA A 180 7.42 16.44 8.09
N ALA A 181 6.86 15.30 8.50
CA ALA A 181 6.16 15.25 9.79
C ALA A 181 7.11 15.65 10.90
N LYS A 182 8.35 15.16 10.81
CA LYS A 182 9.38 15.50 11.77
C LYS A 182 10.74 15.60 11.09
N THR A 183 11.48 16.64 11.42
CA THR A 183 12.88 16.73 11.03
C THR A 183 13.70 16.19 12.19
N VAL A 184 14.54 15.19 11.90
CA VAL A 184 15.13 14.38 12.95
C VAL A 184 16.64 14.24 12.82
N PRO A 185 17.31 13.81 13.89
CA PRO A 185 18.76 13.59 13.84
C PRO A 185 19.11 12.43 12.91
N ASP A 186 20.39 12.32 12.56
CA ASP A 186 20.87 11.23 11.71
C ASP A 186 20.94 9.94 12.51
N LYS A 187 19.82 9.25 12.62
CA LYS A 187 19.73 7.96 13.30
C LYS A 187 18.91 7.03 12.41
N TRP A 188 18.98 5.73 12.67
CA TRP A 188 18.17 4.79 11.91
C TRP A 188 16.78 4.69 12.52
N TYR A 189 15.76 4.89 11.68
CA TYR A 189 14.38 4.77 12.13
C TYR A 189 13.80 3.41 11.77
N ALA A 190 13.34 2.70 12.79
CA ALA A 190 12.78 1.37 12.62
C ALA A 190 11.26 1.49 12.59
N TYR A 191 10.67 1.27 11.42
CA TYR A 191 9.24 1.42 11.25
C TYR A 191 8.49 0.16 11.68
N PRO A 192 7.26 0.33 12.18
CA PRO A 192 6.56 -0.80 12.80
C PRO A 192 6.30 -1.96 11.82
N TRP A 193 6.04 -1.65 10.56
CA TRP A 193 5.78 -2.71 9.58
C TRP A 193 7.01 -3.55 9.26
N GLU A 194 8.19 -3.06 9.67
CA GLU A 194 9.44 -3.76 9.42
C GLU A 194 9.79 -4.74 10.55
N SER A 195 9.02 -4.68 11.63
CA SER A 195 9.35 -5.45 12.83
C SER A 195 8.84 -6.90 12.80
N THR A 196 9.63 -7.81 13.35
CA THR A 196 9.19 -9.20 13.50
C THR A 196 8.79 -9.51 14.93
N ASP A 197 8.97 -8.54 15.82
CA ASP A 197 8.45 -8.62 17.19
C ASP A 197 7.84 -7.27 17.55
N ILE A 198 6.55 -7.11 17.25
CA ILE A 198 5.89 -5.83 17.41
C ILE A 198 5.71 -5.45 18.88
N VAL A 199 5.77 -6.43 19.77
CA VAL A 199 5.62 -6.17 21.19
C VAL A 199 6.88 -5.49 21.74
N PHE A 200 8.03 -6.08 21.44
CA PHE A 200 9.31 -5.47 21.76
C PHE A 200 9.40 -4.08 21.11
N HIS A 201 9.02 -4.02 19.84
CA HIS A 201 9.12 -2.80 19.06
C HIS A 201 8.31 -1.67 19.70
N THR A 202 7.10 -1.98 20.14
CA THR A 202 6.22 -0.99 20.72
C THR A 202 6.69 -0.58 22.12
N ARG A 203 7.19 -1.55 22.88
CA ARG A 203 7.74 -1.24 24.20
C ARG A 203 8.91 -0.27 24.06
N MET A 204 9.79 -0.54 23.11
CA MET A 204 10.93 0.35 22.86
C MET A 204 10.45 1.74 22.44
N ALA A 205 9.47 1.79 21.54
CA ALA A 205 8.93 3.06 21.07
C ALA A 205 8.38 3.90 22.21
N ILE A 206 7.60 3.27 23.09
CA ILE A 206 7.03 3.96 24.25
C ILE A 206 8.14 4.52 25.14
N GLU A 207 9.15 3.71 25.41
CA GLU A 207 10.26 4.14 26.24
C GLU A 207 10.99 5.33 25.62
N GLN A 208 11.08 5.34 24.30
CA GLN A 208 11.84 6.36 23.60
C GLN A 208 11.06 7.65 23.36
N GLY A 209 9.77 7.64 23.68
CA GLY A 209 8.92 8.79 23.44
C GLY A 209 8.45 8.84 22.00
N ASN A 210 8.46 7.67 21.34
CA ASN A 210 8.03 7.55 19.95
C ASN A 210 6.69 6.84 19.80
N ASP A 211 5.75 7.15 20.69
CA ASP A 211 4.40 6.59 20.59
C ASP A 211 3.43 7.76 20.38
N ILE A 212 2.34 7.79 21.14
CA ILE A 212 1.33 8.84 20.95
C ILE A 212 1.72 10.18 21.56
N PHE A 213 1.17 11.25 20.99
CA PHE A 213 1.45 12.60 21.48
C PHE A 213 0.20 13.47 21.35
N ILE A 214 -0.90 12.86 20.95
CA ILE A 214 -2.19 13.53 20.84
C ILE A 214 -3.20 12.73 21.67
N PRO A 215 -3.97 13.41 22.53
CA PRO A 215 -4.93 12.70 23.37
C PRO A 215 -6.17 12.24 22.62
N GLU A 216 -6.94 11.34 23.24
CA GLU A 216 -8.23 10.93 22.72
C GLU A 216 -9.17 12.13 22.63
N GLN A 217 -10.07 12.11 21.64
CA GLN A 217 -11.04 13.18 21.49
C GLN A 217 -12.14 13.03 22.54
N GLU A 218 -12.63 14.02 23.08
N ASP B 5 -22.31 -4.98 16.44
CA ASP B 5 -21.33 -4.81 17.52
C ASP B 5 -19.93 -4.54 16.97
N LYS B 6 -19.67 -3.26 16.66
CA LYS B 6 -18.42 -2.84 16.01
C LYS B 6 -17.16 -3.34 16.69
N GLN B 7 -16.30 -4.01 15.93
CA GLN B 7 -15.06 -4.55 16.48
C GLN B 7 -13.88 -3.65 16.10
N TYR B 8 -13.29 -3.00 17.10
CA TYR B 8 -12.13 -2.16 16.89
C TYR B 8 -10.87 -3.01 16.91
N ILE B 9 -10.08 -2.90 15.84
CA ILE B 9 -8.87 -3.70 15.64
C ILE B 9 -7.65 -2.79 15.67
N SER B 10 -6.69 -3.09 16.55
CA SER B 10 -5.50 -2.25 16.69
C SER B 10 -4.47 -2.61 15.63
N TYR B 11 -3.55 -1.69 15.35
CA TYR B 11 -2.46 -1.98 14.44
C TYR B 11 -1.68 -3.24 14.88
N ASN B 12 -1.36 -3.32 16.16
CA ASN B 12 -0.57 -4.45 16.66
C ASN B 12 -1.30 -5.78 16.51
N ASN B 13 -2.63 -5.75 16.59
CA ASN B 13 -3.43 -6.94 16.32
C ASN B 13 -3.29 -7.38 14.87
N VAL B 14 -3.44 -6.43 13.94
CA VAL B 14 -3.24 -6.75 12.53
C VAL B 14 -1.84 -7.30 12.29
N HIS B 15 -0.85 -6.70 12.91
CA HIS B 15 0.53 -7.14 12.77
C HIS B 15 0.69 -8.60 13.17
N GLN B 16 0.10 -8.98 14.31
CA GLN B 16 0.23 -10.35 14.79
C GLN B 16 -0.63 -11.34 14.00
N LEU B 17 -1.76 -10.87 13.47
CA LEU B 17 -2.55 -11.71 12.57
C LEU B 17 -1.72 -12.07 11.36
N CYS B 18 -1.01 -11.09 10.83
CA CYS B 18 -0.13 -11.35 9.70
C CYS B 18 0.99 -12.29 10.10
N GLN B 19 1.52 -12.10 11.31
CA GLN B 19 2.62 -12.91 11.80
C GLN B 19 2.28 -14.39 11.82
N VAL B 20 1.13 -14.74 12.39
CA VAL B 20 0.75 -16.14 12.51
C VAL B 20 0.34 -16.70 11.16
N SER B 21 -0.31 -15.88 10.34
CA SER B 21 -0.76 -16.32 9.03
C SER B 21 0.42 -16.61 8.11
N ALA B 22 1.51 -15.89 8.30
CA ALA B 22 2.70 -16.07 7.47
C ALA B 22 3.24 -17.49 7.52
N GLU B 23 3.13 -18.13 8.67
CA GLU B 23 3.60 -19.50 8.82
C GLU B 23 2.80 -20.47 7.95
N ARG B 24 1.51 -20.21 7.79
CA ARG B 24 0.66 -21.02 6.93
C ARG B 24 0.97 -20.73 5.46
N ILE B 25 1.04 -19.45 5.14
CA ILE B 25 1.20 -18.98 3.77
C ILE B 25 2.53 -19.41 3.14
N LYS B 26 3.53 -19.67 3.97
CA LYS B 26 4.80 -20.20 3.48
C LYS B 26 4.60 -21.51 2.72
N ASN B 27 3.57 -22.27 3.09
CA ASN B 27 3.29 -23.55 2.44
C ASN B 27 2.77 -23.35 1.02
N PHE B 28 2.24 -22.16 0.77
CA PHE B 28 1.73 -21.78 -0.54
C PHE B 28 2.88 -21.31 -1.43
N LYS B 29 3.96 -20.86 -0.81
CA LYS B 29 5.15 -20.41 -1.53
C LYS B 29 4.85 -19.31 -2.54
N PRO B 30 4.27 -18.18 -2.06
CA PRO B 30 3.90 -17.12 -2.99
C PRO B 30 5.10 -16.52 -3.72
N ASP B 31 4.93 -16.26 -5.02
CA ASP B 31 5.97 -15.63 -5.82
C ASP B 31 5.77 -14.13 -5.88
N LEU B 32 4.53 -13.70 -5.70
CA LEU B 32 4.18 -12.29 -5.67
C LEU B 32 2.84 -12.11 -4.99
N ILE B 33 2.54 -10.88 -4.60
CA ILE B 33 1.30 -10.57 -3.93
C ILE B 33 0.54 -9.51 -4.72
N ILE B 34 -0.76 -9.71 -4.88
CA ILE B 34 -1.61 -8.69 -5.47
C ILE B 34 -2.61 -8.23 -4.41
N ALA B 35 -2.51 -6.96 -4.04
CA ALA B 35 -3.32 -6.42 -2.96
C ALA B 35 -4.49 -5.62 -3.51
N ILE B 36 -5.69 -5.90 -2.99
CA ILE B 36 -6.88 -5.19 -3.40
C ILE B 36 -7.13 -3.96 -2.52
N GLY B 37 -7.00 -2.77 -3.12
CA GLY B 37 -7.28 -1.54 -2.42
C GLY B 37 -6.25 -1.20 -1.35
N GLY B 38 -6.41 -0.02 -0.74
CA GLY B 38 -5.52 0.42 0.32
C GLY B 38 -5.59 -0.48 1.54
N GLY B 39 -6.78 -1.02 1.79
CA GLY B 39 -7.01 -1.94 2.89
C GLY B 39 -6.34 -3.28 2.72
N GLY B 40 -6.12 -3.67 1.46
CA GLY B 40 -5.41 -4.90 1.17
C GLY B 40 -3.91 -4.70 1.26
N PHE B 41 -3.44 -3.50 0.94
CA PHE B 41 -2.01 -3.28 0.83
C PHE B 41 -1.28 -3.34 2.17
N ILE B 42 -1.89 -2.78 3.21
CA ILE B 42 -1.23 -2.72 4.51
C ILE B 42 -0.90 -4.12 5.06
N PRO B 43 -1.90 -5.00 5.15
CA PRO B 43 -1.63 -6.39 5.54
C PRO B 43 -0.63 -7.06 4.60
N ALA B 44 -0.71 -6.75 3.31
CA ALA B 44 0.21 -7.34 2.33
C ALA B 44 1.66 -6.97 2.66
N ARG B 45 1.89 -5.71 2.97
CA ARG B 45 3.23 -5.23 3.28
C ARG B 45 3.73 -5.83 4.59
N ILE B 46 2.87 -5.90 5.58
CA ILE B 46 3.25 -6.51 6.86
C ILE B 46 3.57 -7.98 6.64
N LEU B 47 2.72 -8.67 5.89
CA LEU B 47 2.96 -10.07 5.58
C LEU B 47 4.36 -10.26 5.00
N ARG B 48 4.76 -9.35 4.13
CA ARG B 48 6.04 -9.50 3.45
C ARG B 48 7.22 -9.49 4.43
N THR B 49 7.08 -8.73 5.51
CA THR B 49 8.11 -8.70 6.54
C THR B 49 8.35 -10.09 7.13
N PHE B 50 7.26 -10.84 7.27
CA PHE B 50 7.35 -12.19 7.84
C PHE B 50 7.68 -13.26 6.81
N LEU B 51 7.49 -12.96 5.53
CA LEU B 51 7.84 -13.91 4.48
C LEU B 51 9.29 -13.76 4.03
N LYS B 52 9.88 -12.62 4.38
CA LYS B 52 11.24 -12.31 3.94
C LYS B 52 12.26 -13.35 4.42
N GLU B 53 13.14 -13.74 3.51
CA GLU B 53 14.27 -14.59 3.86
C GLU B 53 15.53 -13.86 3.47
N PRO B 54 16.50 -13.77 4.41
CA PRO B 54 17.78 -13.11 4.14
C PRO B 54 18.42 -13.67 2.87
N GLY B 55 18.87 -12.77 1.99
CA GLY B 55 19.54 -13.17 0.76
C GLY B 55 18.59 -13.50 -0.38
N VAL B 56 17.29 -13.54 -0.09
CA VAL B 56 16.30 -13.81 -1.12
C VAL B 56 15.51 -12.54 -1.44
N PRO B 57 15.45 -12.18 -2.74
CA PRO B 57 14.77 -10.97 -3.19
C PRO B 57 13.37 -10.86 -2.59
N THR B 58 13.01 -9.69 -2.07
CA THR B 58 11.72 -9.52 -1.42
C THR B 58 10.60 -9.72 -2.42
N ILE B 59 9.50 -10.30 -1.96
CA ILE B 59 8.34 -10.59 -2.80
C ILE B 59 7.67 -9.29 -3.22
N ARG B 60 7.36 -9.17 -4.52
CA ARG B 60 6.76 -7.94 -5.03
C ARG B 60 5.28 -7.84 -4.69
N ILE B 61 4.82 -6.62 -4.44
CA ILE B 61 3.41 -6.36 -4.14
C ILE B 61 2.83 -5.43 -5.20
N PHE B 62 1.73 -5.84 -5.82
CA PHE B 62 1.05 -5.03 -6.81
C PHE B 62 -0.32 -4.62 -6.30
N ALA B 63 -0.62 -3.33 -6.34
CA ALA B 63 -1.91 -2.82 -5.90
C ALA B 63 -2.90 -2.71 -7.05
N ILE B 64 -4.10 -3.24 -6.87
CA ILE B 64 -5.13 -3.11 -7.88
C ILE B 64 -6.41 -2.56 -7.27
N ILE B 65 -7.22 -1.90 -8.10
CA ILE B 65 -8.51 -1.40 -7.69
C ILE B 65 -9.55 -1.88 -8.67
N LEU B 66 -10.59 -2.52 -8.11
CA LEU B 66 -11.68 -3.05 -8.89
C LEU B 66 -12.96 -2.29 -8.53
N SER B 67 -13.66 -1.79 -9.54
CA SER B 67 -14.96 -1.16 -9.30
C SER B 67 -16.06 -2.05 -9.87
N LEU B 68 -17.10 -2.26 -9.07
CA LEU B 68 -18.21 -3.11 -9.45
C LEU B 68 -19.51 -2.30 -9.49
N TYR B 69 -20.22 -2.37 -10.60
CA TYR B 69 -21.47 -1.63 -10.76
C TYR B 69 -22.62 -2.56 -11.11
N GLU B 70 -23.86 -2.08 -10.88
CA GLU B 70 -25.05 -2.87 -11.17
C GLU B 70 -25.20 -3.14 -12.67
N ASP B 71 -25.46 -4.39 -13.02
CA ASP B 71 -25.56 -4.79 -14.42
C ASP B 71 -27.02 -4.79 -14.90
N LEU B 72 -27.35 -3.84 -15.78
CA LEU B 72 -28.67 -3.75 -16.36
C LEU B 72 -29.75 -3.66 -15.28
N VAL B 84 -23.86 -7.64 -12.13
CA VAL B 84 -22.65 -6.97 -11.67
C VAL B 84 -21.66 -6.75 -12.81
N LYS B 85 -21.36 -5.49 -13.09
CA LYS B 85 -20.38 -5.13 -14.12
C LYS B 85 -19.05 -4.79 -13.45
N VAL B 86 -17.95 -5.13 -14.12
CA VAL B 86 -16.63 -4.95 -13.54
C VAL B 86 -15.76 -3.96 -14.32
N SER B 87 -15.17 -3.01 -13.59
CA SER B 87 -14.25 -2.05 -14.18
C SER B 87 -12.89 -2.11 -13.51
N ARG B 88 -11.83 -2.18 -14.30
CA ARG B 88 -10.47 -2.22 -13.77
C ARG B 88 -9.98 -0.80 -13.56
N THR B 89 -10.31 -0.23 -12.40
CA THR B 89 -9.99 1.16 -12.09
C THR B 89 -8.49 1.42 -12.04
N GLN B 90 -7.76 0.52 -11.38
CA GLN B 90 -6.31 0.57 -11.36
C GLN B 90 -5.82 -0.85 -11.49
N TRP B 91 -5.13 -1.16 -12.58
CA TRP B 91 -4.69 -2.52 -12.83
C TRP B 91 -3.18 -2.62 -12.91
N ILE B 92 -2.69 -3.73 -13.44
CA ILE B 92 -1.26 -3.97 -13.56
C ILE B 92 -0.85 -3.95 -15.02
N ASP B 93 0.16 -3.15 -15.34
CA ASP B 93 0.75 -3.21 -16.68
C ASP B 93 1.83 -4.29 -16.67
N TYR B 94 1.42 -5.53 -16.95
CA TYR B 94 2.31 -6.67 -16.85
C TYR B 94 3.57 -6.52 -17.70
N GLU B 95 3.44 -5.96 -18.89
CA GLU B 95 4.58 -5.75 -19.76
C GLU B 95 5.59 -4.76 -19.18
N GLN B 96 5.11 -3.62 -18.72
CA GLN B 96 5.98 -2.59 -18.16
C GLN B 96 6.68 -3.08 -16.90
N CYS B 97 5.92 -3.78 -16.04
CA CYS B 97 6.45 -4.30 -14.78
C CYS B 97 7.26 -5.58 -14.99
N LYS B 98 7.24 -6.11 -16.21
CA LYS B 98 7.86 -7.39 -16.50
C LYS B 98 7.35 -8.44 -15.52
N LEU B 99 6.03 -8.44 -15.33
CA LEU B 99 5.39 -9.41 -14.46
C LEU B 99 4.76 -10.52 -15.30
N ASP B 100 5.30 -11.72 -15.17
CA ASP B 100 4.81 -12.89 -15.87
C ASP B 100 4.12 -13.81 -14.87
N LEU B 101 2.83 -14.04 -15.07
CA LEU B 101 2.04 -14.83 -14.11
C LEU B 101 2.16 -16.34 -14.36
N VAL B 102 2.70 -16.70 -15.52
CA VAL B 102 2.81 -18.11 -15.88
C VAL B 102 3.66 -18.90 -14.89
N GLY B 103 3.10 -20.00 -14.38
CA GLY B 103 3.81 -20.86 -13.46
C GLY B 103 4.14 -20.20 -12.14
N LYS B 104 3.33 -19.21 -11.76
CA LYS B 104 3.56 -18.47 -10.52
C LYS B 104 2.52 -18.85 -9.47
N ASN B 105 2.92 -18.75 -8.20
CA ASN B 105 1.97 -18.80 -7.10
C ASN B 105 1.65 -17.36 -6.71
N VAL B 106 0.41 -16.95 -6.91
CA VAL B 106 0.01 -15.57 -6.69
C VAL B 106 -0.95 -15.43 -5.50
N LEU B 107 -0.54 -14.67 -4.50
CA LEU B 107 -1.38 -14.45 -3.33
C LEU B 107 -2.18 -13.15 -3.45
N ILE B 108 -3.50 -13.27 -3.46
CA ILE B 108 -4.38 -12.12 -3.45
C ILE B 108 -4.70 -11.74 -2.02
N VAL B 109 -4.46 -10.48 -1.66
CA VAL B 109 -4.66 -10.05 -0.28
C VAL B 109 -5.71 -8.97 -0.15
N ASP B 110 -6.62 -9.13 0.80
CA ASP B 110 -7.61 -8.11 1.12
C ASP B 110 -7.83 -8.17 2.63
N GLU B 111 -8.35 -7.10 3.23
CA GLU B 111 -8.49 -7.10 4.69
C GLU B 111 -9.65 -7.97 5.16
N VAL B 112 -10.73 -8.02 4.38
CA VAL B 112 -11.93 -8.72 4.83
C VAL B 112 -12.67 -9.43 3.70
N ASP B 113 -13.26 -10.57 4.03
CA ASP B 113 -14.15 -11.27 3.14
C ASP B 113 -15.53 -11.14 3.76
N ASP B 114 -16.36 -10.26 3.21
CA ASP B 114 -17.68 -9.98 3.77
C ASP B 114 -18.74 -10.81 3.04
N THR B 115 -19.16 -10.34 1.87
CA THR B 115 -20.06 -11.11 1.02
C THR B 115 -19.31 -11.89 -0.06
N ARG B 116 -18.00 -11.65 -0.12
CA ARG B 116 -17.10 -12.37 -1.03
C ARG B 116 -17.15 -11.88 -2.46
N THR B 117 -18.02 -10.91 -2.73
CA THR B 117 -18.19 -10.39 -4.09
C THR B 117 -16.90 -9.84 -4.68
N THR B 118 -16.16 -9.09 -3.88
CA THR B 118 -14.92 -8.47 -4.35
C THR B 118 -13.85 -9.53 -4.68
N LEU B 119 -13.68 -10.49 -3.79
CA LEU B 119 -12.68 -11.54 -4.01
C LEU B 119 -13.04 -12.38 -5.23
N HIS B 120 -14.32 -12.65 -5.41
CA HIS B 120 -14.78 -13.41 -6.57
C HIS B 120 -14.39 -12.74 -7.88
N TYR B 121 -14.71 -11.46 -8.01
CA TYR B 121 -14.44 -10.77 -9.27
C TYR B 121 -12.96 -10.44 -9.48
N ALA B 122 -12.24 -10.20 -8.39
CA ALA B 122 -10.79 -9.99 -8.48
C ALA B 122 -10.12 -11.25 -9.02
N LEU B 123 -10.42 -12.39 -8.41
CA LEU B 123 -9.88 -13.66 -8.86
C LEU B 123 -10.26 -13.92 -10.32
N SER B 124 -11.52 -13.70 -10.65
CA SER B 124 -12.00 -13.90 -12.02
C SER B 124 -11.21 -13.08 -13.03
N GLU B 125 -10.98 -11.81 -12.72
CA GLU B 125 -10.26 -10.93 -13.62
C GLU B 125 -8.78 -11.33 -13.77
N LEU B 126 -8.16 -11.69 -12.65
CA LEU B 126 -6.75 -12.07 -12.68
C LEU B 126 -6.55 -13.39 -13.43
N GLU B 127 -7.55 -14.26 -13.37
CA GLU B 127 -7.49 -15.52 -14.12
C GLU B 127 -7.53 -15.27 -15.62
N LYS B 128 -8.27 -14.25 -16.04
CA LYS B 128 -8.32 -13.86 -17.45
C LYS B 128 -6.94 -13.37 -17.90
N ASP B 129 -6.28 -12.60 -17.05
CA ASP B 129 -4.95 -12.09 -17.35
C ASP B 129 -3.96 -13.23 -17.55
N ALA B 130 -3.98 -14.18 -16.62
CA ALA B 130 -3.06 -15.31 -16.66
C ALA B 130 -3.28 -16.15 -17.91
N ALA B 131 -4.53 -16.43 -18.22
CA ALA B 131 -4.88 -17.23 -19.38
C ALA B 131 -4.43 -16.56 -20.67
N GLU B 132 -4.60 -15.24 -20.73
CA GLU B 132 -4.25 -14.46 -21.91
C GLU B 132 -2.73 -14.39 -22.10
N GLN B 133 -2.00 -14.44 -20.99
CA GLN B 133 -0.54 -14.44 -21.05
C GLN B 133 -0.02 -15.80 -21.49
N ALA B 134 -0.58 -16.86 -20.92
CA ALA B 134 -0.18 -18.22 -21.25
C ALA B 134 -0.46 -18.56 -22.71
N LYS B 135 -1.34 -17.77 -23.35
CA LYS B 135 -1.66 -17.98 -24.75
C LYS B 135 -0.74 -17.16 -25.64
N ALA B 136 -0.41 -15.95 -25.19
CA ALA B 136 0.50 -15.08 -25.92
C ALA B 136 1.85 -15.78 -26.11
N LYS B 137 2.20 -16.62 -25.14
CA LYS B 137 3.49 -17.31 -25.15
C LYS B 137 3.46 -18.57 -25.99
N GLY B 138 2.32 -18.84 -26.61
CA GLY B 138 2.16 -20.09 -27.36
C GLY B 138 2.20 -21.27 -26.40
N ILE B 139 1.89 -21.01 -25.14
CA ILE B 139 1.79 -22.07 -24.14
C ILE B 139 0.37 -22.62 -24.12
N ASP B 140 0.25 -23.93 -23.92
CA ASP B 140 -1.05 -24.55 -23.79
C ASP B 140 -1.21 -25.12 -22.39
N THR B 141 -2.00 -24.44 -21.57
CA THR B 141 -2.13 -24.81 -20.16
C THR B 141 -2.74 -26.19 -19.96
N GLU B 142 -3.43 -26.70 -20.97
CA GLU B 142 -3.98 -28.06 -20.90
C GLU B 142 -2.90 -29.10 -21.18
N LYS B 143 -2.14 -28.88 -22.24
CA LYS B 143 -1.04 -29.77 -22.59
C LYS B 143 0.15 -29.54 -21.66
N SER B 144 0.33 -28.29 -21.27
CA SER B 144 1.39 -27.91 -20.33
C SER B 144 0.76 -27.38 -19.04
N PRO B 145 0.25 -28.30 -18.19
CA PRO B 145 -0.42 -27.93 -16.94
C PRO B 145 0.48 -27.18 -15.97
N GLU B 146 1.77 -27.49 -15.99
CA GLU B 146 2.72 -26.89 -15.06
C GLU B 146 2.99 -25.40 -15.32
N MET B 147 2.42 -24.86 -16.38
CA MET B 147 2.57 -23.44 -16.68
C MET B 147 1.34 -22.66 -16.21
N LYS B 148 0.46 -23.36 -15.49
CA LYS B 148 -0.75 -22.72 -14.97
C LYS B 148 -0.42 -21.82 -13.78
N THR B 149 -1.23 -20.77 -13.62
CA THR B 149 -1.05 -19.85 -12.50
C THR B 149 -1.86 -20.35 -11.29
N ASN B 150 -1.18 -20.45 -10.14
CA ASN B 150 -1.81 -20.88 -8.89
CA ASN B 150 -1.84 -20.89 -8.91
C ASN B 150 -2.22 -19.70 -8.02
N PHE B 151 -3.51 -19.46 -7.90
CA PHE B 151 -3.99 -18.35 -7.06
C PHE B 151 -4.33 -18.79 -5.63
N GLY B 152 -3.98 -17.94 -4.68
CA GLY B 152 -4.37 -18.10 -3.29
C GLY B 152 -4.91 -16.79 -2.75
N ILE B 153 -5.57 -16.86 -1.59
CA ILE B 153 -6.15 -15.66 -0.98
C ILE B 153 -5.77 -15.54 0.49
N PHE B 154 -5.43 -14.34 0.93
CA PHE B 154 -5.25 -14.06 2.34
C PHE B 154 -6.11 -12.88 2.75
N VAL B 155 -6.95 -13.08 3.77
CA VAL B 155 -7.68 -11.98 4.38
C VAL B 155 -7.45 -12.02 5.89
N LEU B 156 -7.58 -10.88 6.55
CA LEU B 156 -7.49 -10.84 8.01
C LEU B 156 -8.71 -11.49 8.62
N HIS B 157 -9.88 -11.10 8.12
CA HIS B 157 -11.15 -11.57 8.68
C HIS B 157 -12.08 -12.14 7.61
N ASP B 158 -12.49 -13.38 7.80
CA ASP B 158 -13.52 -14.00 6.98
C ASP B 158 -14.80 -14.11 7.79
N LYS B 159 -15.83 -13.36 7.39
CA LYS B 159 -17.06 -13.32 8.16
C LYS B 159 -17.91 -14.56 7.91
N GLN B 160 -18.43 -15.12 9.00
CA GLN B 160 -19.35 -16.25 8.93
C GLN B 160 -20.75 -15.74 8.63
N LYS B 161 -21.14 -15.80 7.37
CA LYS B 161 -22.41 -15.25 6.93
C LYS B 161 -22.68 -15.75 5.52
N PRO B 162 -23.95 -15.74 5.11
CA PRO B 162 -24.26 -16.11 3.72
C PRO B 162 -23.49 -15.23 2.75
N LYS B 163 -22.80 -15.85 1.81
CA LYS B 163 -22.01 -15.11 0.83
C LYS B 163 -22.84 -14.83 -0.42
N LYS B 164 -22.50 -13.76 -1.13
CA LYS B 164 -23.22 -13.37 -2.33
C LYS B 164 -22.51 -13.86 -3.59
N ALA B 165 -21.28 -14.35 -3.42
CA ALA B 165 -20.51 -14.86 -4.54
C ALA B 165 -19.67 -16.05 -4.10
N ASP B 166 -19.28 -16.88 -5.05
CA ASP B 166 -18.52 -18.08 -4.73
C ASP B 166 -17.02 -17.90 -5.01
N LEU B 167 -16.24 -18.80 -4.46
CA LEU B 167 -14.85 -18.98 -4.85
C LEU B 167 -14.70 -20.46 -5.17
N PRO B 168 -13.76 -20.81 -6.06
CA PRO B 168 -13.59 -22.21 -6.48
C PRO B 168 -13.42 -23.15 -5.30
N ALA B 169 -13.91 -24.38 -5.43
CA ALA B 169 -13.79 -25.36 -4.38
C ALA B 169 -12.33 -25.65 -4.04
N GLU B 170 -11.48 -25.71 -5.06
CA GLU B 170 -10.07 -26.02 -4.87
C GLU B 170 -9.34 -24.90 -4.15
N MET B 171 -9.98 -23.74 -4.05
CA MET B 171 -9.47 -22.63 -3.26
C MET B 171 -10.00 -22.72 -1.83
N LEU B 172 -11.31 -22.62 -1.68
CA LEU B 172 -11.95 -22.57 -0.36
C LEU B 172 -11.61 -23.77 0.51
N ASN B 173 -11.65 -24.97 -0.07
CA ASN B 173 -11.49 -26.20 0.70
C ASN B 173 -10.05 -26.69 0.81
N ASP B 174 -9.11 -25.91 0.28
CA ASP B 174 -7.70 -26.21 0.43
C ASP B 174 -7.09 -25.26 1.46
N LYS B 175 -6.71 -25.79 2.62
CA LYS B 175 -6.18 -24.99 3.72
C LYS B 175 -4.89 -24.29 3.34
N ASN B 176 -4.33 -24.67 2.19
CA ASN B 176 -3.11 -24.02 1.74
CA ASN B 176 -3.09 -24.10 1.69
C ASN B 176 -3.30 -23.14 0.50
N ARG B 177 -4.54 -22.71 0.28
CA ARG B 177 -4.87 -21.79 -0.81
CA ARG B 177 -4.80 -21.74 -0.77
C ARG B 177 -5.71 -20.61 -0.32
N TYR B 178 -6.68 -20.89 0.55
CA TYR B 178 -7.51 -19.83 1.13
C TYR B 178 -7.15 -19.67 2.60
N PHE B 179 -6.61 -18.50 2.94
CA PHE B 179 -6.09 -18.24 4.27
C PHE B 179 -6.83 -17.09 4.93
N ALA B 180 -7.55 -17.38 6.00
CA ALA B 180 -8.12 -16.32 6.82
C ALA B 180 -7.46 -16.34 8.18
N ALA B 181 -6.87 -15.21 8.57
CA ALA B 181 -6.23 -15.10 9.88
C ALA B 181 -7.24 -15.45 10.97
N LYS B 182 -8.45 -14.92 10.82
CA LYS B 182 -9.56 -15.26 11.71
C LYS B 182 -10.88 -15.42 10.97
N THR B 183 -11.65 -16.44 11.34
CA THR B 183 -13.01 -16.58 10.84
C THR B 183 -13.92 -16.04 11.94
N VAL B 184 -14.69 -15.01 11.62
CA VAL B 184 -15.35 -14.19 12.63
C VAL B 184 -16.86 -14.08 12.44
N PRO B 185 -17.57 -13.65 13.49
CA PRO B 185 -19.01 -13.42 13.40
C PRO B 185 -19.33 -12.29 12.43
N ASP B 186 -20.58 -12.20 12.01
CA ASP B 186 -21.00 -11.13 11.10
C ASP B 186 -21.11 -9.81 11.85
N LYS B 187 -19.97 -9.14 12.02
CA LYS B 187 -19.92 -7.84 12.68
C LYS B 187 -19.08 -6.91 11.83
N TRP B 188 -19.20 -5.61 12.05
CA TRP B 188 -18.36 -4.66 11.33
C TRP B 188 -17.00 -4.55 12.00
N TYR B 189 -15.95 -4.71 11.19
CA TYR B 189 -14.59 -4.59 11.70
C TYR B 189 -14.00 -3.24 11.34
N ALA B 190 -13.58 -2.50 12.37
CA ALA B 190 -12.99 -1.18 12.17
C ALA B 190 -11.48 -1.31 12.18
N TYR B 191 -10.87 -1.12 11.02
CA TYR B 191 -9.42 -1.27 10.90
C TYR B 191 -8.70 0.01 11.34
N PRO B 192 -7.49 -0.13 11.90
CA PRO B 192 -6.82 1.01 12.54
C PRO B 192 -6.50 2.13 11.55
N TRP B 193 -6.18 1.77 10.31
CA TRP B 193 -5.87 2.79 9.30
C TRP B 193 -7.10 3.59 8.88
N GLU B 194 -8.28 3.11 9.25
CA GLU B 194 -9.53 3.81 8.96
C GLU B 194 -9.91 4.86 10.01
N SER B 195 -9.20 4.87 11.14
CA SER B 195 -9.62 5.66 12.30
C SER B 195 -9.11 7.09 12.28
N THR B 196 -9.94 8.04 12.72
CA THR B 196 -9.50 9.42 12.84
C THR B 196 -9.19 9.76 14.30
N ASP B 197 -9.37 8.78 15.18
CA ASP B 197 -8.94 8.90 16.57
C ASP B 197 -8.33 7.57 17.00
N ILE B 198 -7.05 7.41 16.75
CA ILE B 198 -6.38 6.14 17.00
C ILE B 198 -6.27 5.85 18.50
N VAL B 199 -6.35 6.88 19.32
CA VAL B 199 -6.26 6.67 20.76
C VAL B 199 -7.52 6.00 21.26
N PHE B 200 -8.67 6.56 20.88
CA PHE B 200 -9.94 5.94 21.21
C PHE B 200 -10.02 4.56 20.58
N HIS B 201 -9.54 4.45 19.35
CA HIS B 201 -9.64 3.19 18.61
C HIS B 201 -8.87 2.09 19.32
N THR B 202 -7.68 2.43 19.80
CA THR B 202 -6.82 1.45 20.45
C THR B 202 -7.32 1.10 21.84
N ARG B 203 -7.89 2.10 22.52
CA ARG B 203 -8.47 1.85 23.84
C ARG B 203 -9.61 0.84 23.73
N MET B 204 -10.47 1.03 22.73
CA MET B 204 -11.56 0.09 22.49
C MET B 204 -11.04 -1.30 22.12
N ALA B 205 -10.04 -1.35 21.24
CA ALA B 205 -9.47 -2.63 20.84
C ALA B 205 -8.95 -3.44 22.03
N ILE B 206 -8.27 -2.77 22.95
CA ILE B 206 -7.75 -3.46 24.13
C ILE B 206 -8.88 -3.95 25.01
N GLU B 207 -9.91 -3.14 25.17
CA GLU B 207 -11.09 -3.53 25.94
C GLU B 207 -11.79 -4.73 25.35
N GLN B 208 -11.84 -4.79 24.02
CA GLN B 208 -12.56 -5.87 23.32
C GLN B 208 -11.74 -7.15 23.16
N GLY B 209 -10.46 -7.11 23.52
CA GLY B 209 -9.59 -8.25 23.34
C GLY B 209 -9.10 -8.35 21.90
N ASN B 210 -9.05 -7.20 21.23
CA ASN B 210 -8.61 -7.11 19.85
C ASN B 210 -7.27 -6.41 19.71
N ASP B 211 -6.39 -6.61 20.69
CA ASP B 211 -5.02 -6.11 20.60
C ASP B 211 -4.06 -7.30 20.46
N ILE B 212 -2.96 -7.27 21.21
CA ILE B 212 -1.96 -8.33 21.06
C ILE B 212 -2.40 -9.64 21.70
N PHE B 213 -1.97 -10.75 21.12
CA PHE B 213 -2.26 -12.07 21.68
C PHE B 213 -1.00 -12.93 21.76
N ILE B 214 0.12 -12.37 21.32
CA ILE B 214 1.42 -13.01 21.43
C ILE B 214 2.36 -12.09 22.19
N PRO B 215 3.05 -12.63 23.21
CA PRO B 215 3.96 -11.84 24.04
C PRO B 215 5.27 -11.52 23.34
N GLU B 216 6.05 -10.63 23.96
CA GLU B 216 7.38 -10.30 23.48
C GLU B 216 8.25 -11.56 23.48
N GLN B 217 9.11 -11.70 22.46
CA GLN B 217 10.00 -12.84 22.37
C GLN B 217 11.10 -12.75 23.43
N GLU B 218 11.74 -13.74 23.76
C ACT C . -7.19 11.00 -10.39
O ACT C . -7.24 10.12 -9.50
OXT ACT C . -7.40 10.61 -11.56
CH3 ACT C . -6.90 12.44 -10.07
P 5GP D . 17.52 7.84 0.49
O1P 5GP D . 16.68 8.97 1.01
O2P 5GP D . 17.43 7.66 -1.01
O3P 5GP D . 18.93 7.81 1.03
O5' 5GP D . 16.85 6.52 1.13
C5' 5GP D . 16.91 5.28 0.43
C4' 5GP D . 16.17 4.21 1.25
O4' 5GP D . 16.91 3.76 2.37
C3' 5GP D . 14.86 4.69 1.83
O3' 5GP D . 13.81 4.71 0.86
C2' 5GP D . 14.62 3.63 2.86
O2' 5GP D . 14.12 2.46 2.20
C1' 5GP D . 16.00 3.29 3.37
N9 5GP D . 16.25 4.06 4.61
C8 5GP D . 17.03 5.15 4.75
N7 5GP D . 17.02 5.54 6.04
C5 5GP D . 16.23 4.69 6.72
C6 5GP D . 15.83 4.60 8.05
O6 5GP D . 16.24 5.41 8.92
N1 5GP D . 15.01 3.62 8.41
C2 5GP D . 14.56 2.71 7.53
N2 5GP D . 13.74 1.74 7.96
N3 5GP D . 14.91 2.78 6.23
C4 5GP D . 15.75 3.76 5.81
MG MG E . -9.27 -3.65 0.45
C ACT F . 7.78 -11.18 -10.08
O ACT F . 7.65 -10.38 -9.12
OXT ACT F . 7.86 -10.66 -11.21
CH3 ACT F . 7.85 -12.67 -9.88
P 5GP G . -17.28 -7.93 -0.04
O1P 5GP G . -16.47 -9.11 0.46
O2P 5GP G . -17.18 -7.72 -1.53
O3P 5GP G . -18.69 -7.87 0.49
O5' 5GP G . -16.61 -6.63 0.64
C5' 5GP G . -16.70 -5.39 -0.06
C4' 5GP G . -16.00 -4.28 0.71
O4' 5GP G . -16.77 -3.82 1.82
C3' 5GP G . -14.67 -4.68 1.31
O3' 5GP G . -13.63 -4.68 0.34
C2' 5GP G . -14.48 -3.58 2.33
O2' 5GP G . -14.01 -2.42 1.64
C1' 5GP G . -15.88 -3.28 2.80
N9 5GP G . -16.17 -4.01 4.06
C8 5GP G . -16.96 -5.09 4.17
N7 5GP G . -17.00 -5.47 5.47
C5 5GP G . -16.22 -4.61 6.17
C6 5GP G . -15.89 -4.50 7.50
O6 5GP G . -16.34 -5.31 8.34
N1 5GP G . -15.07 -3.52 7.89
C2 5GP G . -14.57 -2.63 7.02
N2 5GP G . -13.76 -1.65 7.47
N3 5GP G . -14.88 -2.71 5.70
C4 5GP G . -15.71 -3.69 5.27
#